data_2QQU
#
_entry.id   2QQU
#
_cell.length_a   106.271
_cell.length_b   106.271
_cell.length_c   50.434
_cell.angle_alpha   90.00
_cell.angle_beta   90.00
_cell.angle_gamma   120.00
#
_symmetry.space_group_name_H-M   'P 32'
#
loop_
_entity.id
_entity.type
_entity.pdbx_description
1 polymer Beta-fructofuranosidase
2 branched alpha-D-mannopyranose-(1-2)-alpha-D-mannopyranose-(1-3)-[alpha-D-mannopyranose-(1-6)]alpha-D-mannopyranose-(1-4)-2-acetamido-2-deoxy-beta-D-glucopyranose-(1-4)-2-acetamido-2-deoxy-beta-D-glucopyranose
3 branched 2-acetamido-2-deoxy-beta-D-glucopyranose-(1-4)-2-acetamido-2-deoxy-beta-D-glucopyranose
4 branched beta-D-fructofuranose-(2-1)-alpha-D-glucopyranose
5 non-polymer 2-acetamido-2-deoxy-beta-D-glucopyranose
6 non-polymer 'ZINC ION'
7 non-polymer 'SODIUM ION'
8 water water
#
_entity_poly.entity_id   1
_entity_poly.type   'polypeptide(L)'
_entity_poly.pdbx_seq_one_letter_code
;NQPYRTGFHFQPPKNWMNDPNGPMIYKGIYHLFYQWNPKGAVWGNIVWAHSTSTDLINWDPHPPAIFPSAPFDINGCWSG
SATILPNGKPVILYTGIDPKNQQVQNIAEPKNLSDPYLREWKKSPLNPLMAPDAVNGINASSFRDPTTAWLGQDKKWRVI
IGSKIHRRGLAITYTSKDFLKWEKSPEPLHYDDGSGMWECPDFFPVTRFGSNGVETSSFGEPNEILKHVLKISLADTKHD
YYTIGTYDRVKDKFVPDNGFKMDGTAPRYDYGKYYASKTFFDSAKNRRILWGWTNESSSVEDDVEKGWSGIQTIPRKIWL
DRSGKQLIQWPVREVERLRTKQVKNLRNKVLKSGSRLEVYGVTAAQADVEVLFKVRDLEKADVIEPSWTDPQLICSKMNV
SVKSGLGPFGLMVLASKNLEEYTSVYFRIFKARQNSNKYVVLMCSDQSRSSLKEDNDKTTYGAFVDINPHQPLSLRALID
HSVVESFGGKGRACITSRVYPKLAIGKSSHLFAFNYGYQSVDVLNLNAWSMNSAQ
;
_entity_poly.pdbx_strand_id   A
#
loop_
_chem_comp.id
_chem_comp.type
_chem_comp.name
_chem_comp.formula
FRU D-saccharide, beta linking beta-D-fructofuranose 'C6 H12 O6'
GLC D-saccharide, alpha linking alpha-D-glucopyranose 'C6 H12 O6'
MAN D-saccharide, alpha linking alpha-D-mannopyranose 'C6 H12 O6'
NA non-polymer 'SODIUM ION' 'Na 1'
NAG D-saccharide, beta linking 2-acetamido-2-deoxy-beta-D-glucopyranose 'C8 H15 N O6'
ZN non-polymer 'ZINC ION' 'Zn 2'
#
# COMPACT_ATOMS: atom_id res chain seq x y z
N ASN A 1 27.78 8.98 1.33
CA ASN A 1 27.49 7.53 1.11
C ASN A 1 26.08 7.17 1.60
N GLN A 2 25.30 6.52 0.72
CA GLN A 2 23.88 6.26 0.98
C GLN A 2 23.51 4.79 0.74
N PRO A 3 23.78 3.93 1.75
CA PRO A 3 23.54 2.49 1.60
C PRO A 3 22.06 2.10 1.62
N TYR A 4 21.19 2.99 2.08
CA TYR A 4 19.78 2.64 2.27
C TYR A 4 18.81 3.25 1.23
N ARG A 5 19.30 4.18 0.42
CA ARG A 5 18.52 4.72 -0.68
C ARG A 5 18.19 3.61 -1.68
N THR A 6 16.94 3.58 -2.12
CA THR A 6 16.47 2.52 -3.00
C THR A 6 16.96 2.72 -4.42
N GLY A 7 17.30 1.61 -5.06
CA GLY A 7 17.69 1.63 -6.46
C GLY A 7 16.52 1.83 -7.40
N PHE A 8 15.32 1.40 -7.00
CA PHE A 8 14.16 1.46 -7.91
C PHE A 8 12.78 1.74 -7.30
N HIS A 9 12.73 2.15 -6.04
CA HIS A 9 11.48 2.64 -5.46
C HIS A 9 11.37 4.15 -5.61
N PHE A 10 10.15 4.67 -5.62
CA PHE A 10 10.00 6.11 -5.70
C PHE A 10 10.30 6.79 -4.38
N GLN A 11 11.23 7.74 -4.44
CA GLN A 11 11.52 8.66 -3.35
C GLN A 11 12.15 9.90 -3.97
N PRO A 12 11.94 11.08 -3.35
CA PRO A 12 12.56 12.31 -3.87
C PRO A 12 14.09 12.27 -3.78
N PRO A 13 14.79 13.10 -4.58
CA PRO A 13 16.25 13.13 -4.48
C PRO A 13 16.73 13.33 -3.04
N LYS A 14 15.99 14.11 -2.26
CA LYS A 14 16.34 14.37 -0.86
C LYS A 14 15.11 14.68 -0.01
N ASN A 15 15.30 14.76 1.32
CA ASN A 15 14.26 15.23 2.26
C ASN A 15 13.08 14.28 2.57
N TRP A 16 12.15 14.78 3.37
CA TRP A 16 11.02 14.01 3.90
C TRP A 16 9.90 13.81 2.89
N MET A 17 9.52 12.55 2.67
CA MET A 17 8.30 12.23 1.91
C MET A 17 7.30 11.46 2.76
N ASN A 18 6.06 11.50 2.32
CA ASN A 18 4.89 11.26 3.12
C ASN A 18 3.80 10.79 2.14
N ASP A 19 2.52 11.03 2.43
CA ASP A 19 1.39 10.56 1.61
C ASP A 19 1.59 10.68 0.09
N PRO A 20 1.12 9.68 -0.68
CA PRO A 20 1.02 9.87 -2.13
C PRO A 20 -0.18 10.76 -2.47
N ASN A 21 -0.02 11.67 -3.43
CA ASN A 21 -1.06 12.67 -3.72
C ASN A 21 -1.55 12.69 -5.16
N GLY A 22 -2.85 12.93 -5.32
CA GLY A 22 -3.52 13.03 -6.61
C GLY A 22 -2.93 12.19 -7.74
N PRO A 23 -2.84 10.86 -7.56
CA PRO A 23 -2.33 10.11 -8.71
C PRO A 23 -3.37 10.05 -9.80
N MET A 24 -2.90 9.97 -11.04
CA MET A 24 -3.77 10.03 -12.21
C MET A 24 -3.00 9.70 -13.48
N ILE A 25 -3.74 9.44 -14.55
CA ILE A 25 -3.20 9.40 -15.89
C ILE A 25 -3.87 10.54 -16.64
N TYR A 26 -3.08 11.30 -17.39
CA TYR A 26 -3.64 12.32 -18.28
C TYR A 26 -2.83 12.43 -19.55
N LYS A 27 -3.55 12.41 -20.68
CA LYS A 27 -2.94 12.36 -22.02
C LYS A 27 -1.89 11.25 -22.10
N GLY A 28 -2.26 10.08 -21.61
CA GLY A 28 -1.37 8.92 -21.59
C GLY A 28 -0.13 9.10 -20.74
N ILE A 29 -0.12 10.13 -19.88
CA ILE A 29 0.99 10.35 -18.94
C ILE A 29 0.56 10.12 -17.49
N TYR A 30 1.34 9.29 -16.80
CA TYR A 30 1.14 9.04 -15.37
C TYR A 30 1.69 10.18 -14.51
N HIS A 31 0.89 10.59 -13.54
CA HIS A 31 1.26 11.64 -12.62
C HIS A 31 1.29 11.14 -11.18
N LEU A 32 2.26 11.63 -10.41
CA LEU A 32 2.27 11.45 -8.96
C LEU A 32 2.65 12.76 -8.29
N PHE A 33 1.80 13.20 -7.38
CA PHE A 33 2.16 14.26 -6.47
C PHE A 33 2.41 13.59 -5.13
N TYR A 34 2.96 14.32 -4.17
CA TYR A 34 3.21 13.77 -2.85
C TYR A 34 3.53 14.84 -1.82
N GLN A 35 3.21 14.52 -0.56
CA GLN A 35 3.55 15.40 0.56
C GLN A 35 5.05 15.46 0.70
N TRP A 36 5.62 16.66 0.51
CA TRP A 36 7.07 16.85 0.56
C TRP A 36 7.46 18.03 1.46
N ASN A 37 8.53 17.85 2.21
CA ASN A 37 9.13 18.93 2.97
C ASN A 37 10.35 19.44 2.19
N PRO A 38 10.24 20.64 1.61
CA PRO A 38 11.31 21.17 0.78
C PRO A 38 12.57 21.56 1.56
N LYS A 39 12.54 21.44 2.89
CA LYS A 39 13.68 21.88 3.70
C LYS A 39 13.93 21.09 5.00
N GLY A 40 13.60 19.79 5.00
CA GLY A 40 13.80 18.95 6.18
C GLY A 40 13.59 17.47 5.93
N ALA A 41 14.12 16.64 6.83
CA ALA A 41 13.93 15.20 6.76
C ALA A 41 12.89 14.71 7.75
N VAL A 42 12.16 15.67 8.33
CA VAL A 42 10.99 15.41 9.17
C VAL A 42 9.77 16.07 8.54
N TRP A 43 8.57 15.78 9.06
CA TRP A 43 7.33 16.44 8.59
C TRP A 43 7.37 17.95 8.80
N GLY A 44 6.86 18.71 7.82
CA GLY A 44 6.75 20.17 7.95
C GLY A 44 6.86 20.92 6.64
N ASN A 45 6.37 22.16 6.64
CA ASN A 45 6.28 23.03 5.44
C ASN A 45 5.77 22.25 4.24
N ILE A 46 4.64 21.57 4.40
CA ILE A 46 4.25 20.51 3.49
C ILE A 46 3.61 21.00 2.20
N VAL A 47 4.14 20.50 1.07
CA VAL A 47 3.71 20.89 -0.28
C VAL A 47 3.51 19.67 -1.18
N TRP A 48 2.76 19.86 -2.26
CA TRP A 48 2.54 18.82 -3.25
C TRP A 48 3.70 18.77 -4.23
N ALA A 49 4.64 17.85 -4.02
CA ALA A 49 5.70 17.65 -5.01
C ALA A 49 5.14 16.81 -6.16
N HIS A 50 5.87 16.74 -7.27
CA HIS A 50 5.28 16.28 -8.53
C HIS A 50 6.30 15.68 -9.49
N SER A 51 6.05 14.43 -9.90
CA SER A 51 6.84 13.77 -10.92
C SER A 51 5.92 13.09 -11.93
N THR A 52 6.43 12.78 -13.11
CA THR A 52 5.65 12.15 -14.17
C THR A 52 6.37 10.95 -14.74
N SER A 53 5.64 10.07 -15.40
CA SER A 53 6.19 8.83 -15.96
C SER A 53 5.36 8.36 -17.16
N THR A 54 5.95 7.52 -17.99
CA THR A 54 5.18 6.81 -19.02
C THR A 54 5.02 5.31 -18.70
N ASP A 55 5.54 4.87 -17.56
CA ASP A 55 5.55 3.44 -17.23
C ASP A 55 5.38 3.13 -15.73
N LEU A 56 5.20 4.19 -14.94
CA LEU A 56 5.03 4.09 -13.49
C LEU A 56 6.28 3.64 -12.74
N ILE A 57 7.40 3.51 -13.45
CA ILE A 57 8.66 3.08 -12.81
C ILE A 57 9.75 4.17 -12.81
N ASN A 58 9.96 4.82 -13.95
CA ASN A 58 10.92 5.91 -14.06
C ASN A 58 10.19 7.24 -13.99
N TRP A 59 10.64 8.12 -13.11
CA TRP A 59 9.92 9.37 -12.83
C TRP A 59 10.75 10.62 -13.11
N ASP A 60 10.17 11.57 -13.85
CA ASP A 60 10.83 12.82 -14.18
C ASP A 60 10.28 13.94 -13.30
N PRO A 61 11.19 14.71 -12.64
CA PRO A 61 10.78 15.74 -11.70
C PRO A 61 10.14 16.95 -12.36
N HIS A 62 9.45 17.75 -11.56
CA HIS A 62 8.85 19.00 -11.95
C HIS A 62 8.77 19.85 -10.68
N PRO A 63 8.72 21.18 -10.81
CA PRO A 63 8.57 22.01 -9.59
C PRO A 63 7.24 21.73 -8.86
N PRO A 64 7.22 21.89 -7.52
CA PRO A 64 6.03 21.60 -6.70
C PRO A 64 4.76 22.19 -7.31
N ALA A 65 3.65 21.45 -7.25
CA ALA A 65 2.42 21.85 -7.94
C ALA A 65 1.47 22.69 -7.08
N ILE A 66 1.35 22.33 -5.81
CA ILE A 66 0.40 22.98 -4.89
C ILE A 66 1.12 23.30 -3.58
N PHE A 67 1.21 24.59 -3.27
CA PHE A 67 1.97 25.09 -2.11
C PHE A 67 1.23 26.28 -1.50
N PRO A 68 1.50 26.61 -0.21
CA PRO A 68 0.76 27.70 0.45
C PRO A 68 0.95 29.05 -0.22
N SER A 69 -0.16 29.62 -0.72
CA SER A 69 -0.14 30.87 -1.48
C SER A 69 -1.49 31.60 -1.49
N ALA A 70 -2.37 31.26 -0.56
CA ALA A 70 -3.70 31.87 -0.50
C ALA A 70 -4.35 31.58 0.84
N PRO A 71 -5.33 32.41 1.27
CA PRO A 71 -5.97 32.19 2.57
C PRO A 71 -6.36 30.74 2.84
N PHE A 72 -7.04 30.11 1.89
CA PHE A 72 -7.56 28.73 2.05
C PHE A 72 -6.51 27.61 2.19
N ASP A 73 -5.22 27.92 2.01
CA ASP A 73 -4.16 26.91 2.22
C ASP A 73 -2.84 27.46 2.76
N ILE A 74 -2.90 28.63 3.39
CA ILE A 74 -1.71 29.39 3.77
C ILE A 74 -0.82 28.67 4.81
N ASN A 75 -1.45 27.85 5.65
CA ASN A 75 -0.72 27.09 6.67
C ASN A 75 -0.50 25.62 6.30
N GLY A 76 -0.60 25.31 5.00
CA GLY A 76 -0.25 23.98 4.49
C GLY A 76 -1.09 23.46 3.34
N CYS A 77 -0.52 22.51 2.60
CA CYS A 77 -1.23 21.79 1.54
C CYS A 77 -1.21 20.27 1.79
N TRP A 78 -2.23 19.80 2.50
CA TRP A 78 -2.32 18.41 2.90
C TRP A 78 -2.82 17.53 1.75
N SER A 79 -3.21 16.30 2.07
CA SER A 79 -3.49 15.31 1.03
C SER A 79 -4.78 15.55 0.28
N GLY A 80 -4.89 14.86 -0.87
CA GLY A 80 -6.05 14.96 -1.74
C GLY A 80 -5.90 14.09 -2.98
N SER A 81 -6.86 14.23 -3.90
CA SER A 81 -6.96 13.33 -5.03
C SER A 81 -7.38 14.04 -6.31
N ALA A 82 -7.00 13.44 -7.43
CA ALA A 82 -7.37 13.94 -8.73
C ALA A 82 -8.61 13.22 -9.23
N THR A 83 -9.59 14.00 -9.68
CA THR A 83 -10.73 13.48 -10.41
C THR A 83 -10.50 13.85 -11.86
N ILE A 84 -10.93 12.99 -12.77
CA ILE A 84 -10.89 13.28 -14.19
C ILE A 84 -12.34 13.49 -14.67
N LEU A 85 -12.68 14.74 -14.96
CA LEU A 85 -14.03 15.09 -15.38
C LEU A 85 -14.38 14.41 -16.70
N PRO A 86 -15.67 14.11 -16.94
CA PRO A 86 -16.08 13.32 -18.12
C PRO A 86 -15.54 13.85 -19.44
N ASN A 87 -15.18 15.13 -19.48
CA ASN A 87 -14.55 15.72 -20.67
C ASN A 87 -13.01 15.63 -20.68
N GLY A 88 -12.48 14.66 -19.93
CA GLY A 88 -11.04 14.37 -19.92
C GLY A 88 -10.19 15.33 -19.09
N LYS A 89 -10.81 16.43 -18.65
CA LYS A 89 -10.16 17.45 -17.81
C LYS A 89 -9.92 16.91 -16.39
N PRO A 90 -8.67 16.99 -15.90
CA PRO A 90 -8.34 16.57 -14.54
C PRO A 90 -8.36 17.71 -13.51
N VAL A 91 -8.91 17.43 -12.33
CA VAL A 91 -8.88 18.39 -11.21
C VAL A 91 -8.38 17.74 -9.93
N ILE A 92 -7.80 18.54 -9.05
CA ILE A 92 -7.39 18.06 -7.75
C ILE A 92 -8.25 18.66 -6.64
N LEU A 93 -8.81 17.80 -5.79
CA LEU A 93 -9.38 18.22 -4.53
C LEU A 93 -8.37 17.92 -3.42
N TYR A 94 -7.98 18.95 -2.68
CA TYR A 94 -7.00 18.81 -1.61
C TYR A 94 -7.38 19.56 -0.34
N THR A 95 -6.84 19.11 0.78
CA THR A 95 -7.07 19.73 2.08
C THR A 95 -6.05 20.83 2.32
N GLY A 96 -6.53 22.03 2.61
CA GLY A 96 -5.66 23.14 2.95
C GLY A 96 -5.88 23.59 4.39
N ILE A 97 -4.85 24.21 4.98
CA ILE A 97 -4.95 24.76 6.33
C ILE A 97 -5.03 26.29 6.29
N ASP A 98 -6.13 26.83 6.79
CA ASP A 98 -6.40 28.29 6.72
C ASP A 98 -5.83 29.09 7.91
N PRO A 99 -5.94 30.45 7.85
CA PRO A 99 -5.54 31.33 8.95
C PRO A 99 -6.02 30.89 10.34
N LYS A 100 -7.13 30.16 10.41
CA LYS A 100 -7.71 29.68 11.67
C LYS A 100 -7.27 28.25 12.04
N ASN A 101 -6.27 27.73 11.32
CA ASN A 101 -5.82 26.33 11.45
C ASN A 101 -6.90 25.26 11.20
N GLN A 102 -7.82 25.59 10.31
CA GLN A 102 -8.92 24.69 10.00
C GLN A 102 -8.61 23.88 8.75
N GLN A 103 -8.98 22.61 8.79
CA GLN A 103 -8.84 21.74 7.63
C GLN A 103 -10.03 21.94 6.70
N VAL A 104 -9.75 22.43 5.50
CA VAL A 104 -10.79 22.77 4.53
C VAL A 104 -10.49 22.18 3.15
N GLN A 105 -11.54 22.04 2.34
CA GLN A 105 -11.39 21.35 1.06
C GLN A 105 -11.33 22.34 -0.10
N ASN A 106 -10.24 22.27 -0.86
CA ASN A 106 -9.97 23.17 -1.96
C ASN A 106 -9.91 22.42 -3.28
N ILE A 107 -10.40 23.06 -4.35
CA ILE A 107 -10.19 22.56 -5.70
C ILE A 107 -9.00 23.28 -6.34
N ALA A 108 -8.23 22.54 -7.12
CA ALA A 108 -7.19 23.10 -7.98
C ALA A 108 -7.28 22.45 -9.35
N GLU A 109 -7.06 23.23 -10.39
CA GLU A 109 -7.08 22.72 -11.77
C GLU A 109 -5.91 23.29 -12.57
N PRO A 110 -5.51 22.59 -13.65
CA PRO A 110 -4.37 23.08 -14.43
C PRO A 110 -4.69 24.41 -15.10
N LYS A 111 -3.68 25.28 -15.25
CA LYS A 111 -3.89 26.55 -15.95
C LYS A 111 -3.57 26.45 -17.45
N ASN A 112 -2.80 25.44 -17.82
CA ASN A 112 -2.52 25.14 -19.22
C ASN A 112 -2.87 23.68 -19.50
N LEU A 113 -4.09 23.47 -19.99
CA LEU A 113 -4.63 22.13 -20.19
C LEU A 113 -3.97 21.37 -21.35
N SER A 114 -3.11 22.07 -22.10
CA SER A 114 -2.38 21.46 -23.21
C SER A 114 -0.94 21.10 -22.82
N ASP A 115 -0.54 21.52 -21.62
CA ASP A 115 0.73 21.09 -21.05
C ASP A 115 0.59 19.61 -20.67
N PRO A 116 1.42 18.74 -21.27
CA PRO A 116 1.27 17.31 -21.03
C PRO A 116 1.77 16.87 -19.63
N TYR A 117 2.52 17.75 -18.97
CA TYR A 117 3.04 17.46 -17.64
C TYR A 117 2.35 18.27 -16.53
N LEU A 118 1.29 19.00 -16.86
CA LEU A 118 0.52 19.81 -15.91
C LEU A 118 1.38 20.41 -14.80
N ARG A 119 2.31 21.29 -15.19
CA ARG A 119 3.26 21.92 -14.27
C ARG A 119 2.64 22.94 -13.32
N GLU A 120 1.81 23.83 -13.86
CA GLU A 120 1.24 24.90 -13.06
C GLU A 120 -0.27 24.77 -12.85
N TRP A 121 -0.67 24.85 -11.59
CA TRP A 121 -2.05 24.64 -11.21
C TRP A 121 -2.64 25.91 -10.65
N LYS A 122 -3.81 26.30 -11.16
CA LYS A 122 -4.52 27.44 -10.63
C LYS A 122 -5.58 26.96 -9.65
N LYS A 123 -5.79 27.75 -8.60
CA LYS A 123 -6.80 27.48 -7.59
C LYS A 123 -7.86 28.57 -7.66
N SER A 124 -9.04 28.28 -7.13
CA SER A 124 -10.06 29.32 -6.89
C SER A 124 -9.47 30.44 -5.99
N PRO A 125 -10.27 31.41 -5.48
CA PRO A 125 -11.66 31.52 -5.02
C PRO A 125 -12.60 31.06 -6.09
N LEU A 126 -13.71 30.43 -5.69
CA LEU A 126 -14.26 30.55 -4.34
C LEU A 126 -13.85 29.50 -3.29
N ASN A 127 -12.55 29.20 -3.19
CA ASN A 127 -12.01 28.24 -2.22
C ASN A 127 -11.97 28.78 -0.79
N PRO A 128 -12.33 27.95 0.22
CA PRO A 128 -12.65 26.52 0.12
C PRO A 128 -14.04 26.21 -0.39
N LEU A 129 -14.14 25.17 -1.21
CA LEU A 129 -15.42 24.62 -1.65
C LEU A 129 -16.15 23.91 -0.52
N MET A 130 -15.38 23.36 0.44
CA MET A 130 -15.94 22.63 1.58
C MET A 130 -15.19 22.98 2.86
N ALA A 131 -15.93 23.38 3.89
CA ALA A 131 -15.34 23.82 5.17
C ALA A 131 -16.20 23.49 6.39
N PRO A 132 -15.58 23.25 7.55
CA PRO A 132 -16.38 23.15 8.77
C PRO A 132 -16.95 24.51 9.17
N ASP A 133 -18.06 24.49 9.92
CA ASP A 133 -18.66 25.70 10.49
C ASP A 133 -19.64 25.34 11.60
N ALA A 134 -20.30 26.37 12.16
CA ALA A 134 -21.27 26.21 13.25
C ALA A 134 -22.48 25.33 12.88
N VAL A 135 -22.94 25.45 11.64
CA VAL A 135 -24.12 24.68 11.20
C VAL A 135 -23.83 23.19 10.97
N ASN A 136 -22.72 22.86 10.31
CA ASN A 136 -22.39 21.46 10.07
C ASN A 136 -21.69 20.78 11.26
N GLY A 137 -21.07 21.61 12.10
CA GLY A 137 -20.40 21.14 13.32
C GLY A 137 -19.32 20.07 13.11
N ILE A 138 -18.67 20.11 11.95
CA ILE A 138 -17.57 19.19 11.65
C ILE A 138 -16.33 19.62 12.44
N ASN A 139 -15.62 18.64 12.99
CA ASN A 139 -14.37 18.90 13.71
C ASN A 139 -13.30 19.49 12.78
N ALA A 140 -13.08 20.79 12.93
CA ALA A 140 -12.19 21.58 12.07
C ALA A 140 -10.74 21.11 12.10
N SER A 141 -10.45 20.24 13.05
CA SER A 141 -9.10 19.75 13.25
C SER A 141 -9.00 18.30 12.74
N SER A 142 -10.13 17.77 12.28
CA SER A 142 -10.21 16.40 11.77
C SER A 142 -11.18 16.33 10.60
N PHE A 143 -10.76 16.89 9.47
CA PHE A 143 -11.59 17.01 8.27
C PHE A 143 -10.69 17.09 7.04
N ARG A 144 -10.07 15.96 6.70
CA ARG A 144 -9.07 15.98 5.63
C ARG A 144 -9.15 14.82 4.62
N ASP A 145 -8.46 15.02 3.49
CA ASP A 145 -8.22 14.00 2.47
C ASP A 145 -9.46 13.64 1.64
N PRO A 146 -9.89 14.57 0.77
CA PRO A 146 -10.98 14.25 -0.14
C PRO A 146 -10.53 13.18 -1.13
N THR A 147 -11.43 12.27 -1.46
CA THR A 147 -11.14 11.19 -2.38
C THR A 147 -11.25 11.67 -3.82
N THR A 148 -10.98 10.76 -4.76
CA THR A 148 -11.40 10.96 -6.13
C THR A 148 -12.92 11.01 -6.09
N ALA A 149 -13.52 11.94 -6.81
CA ALA A 149 -14.97 12.09 -6.82
C ALA A 149 -15.58 11.23 -7.91
N TRP A 150 -16.81 10.76 -7.67
CA TRP A 150 -17.52 9.93 -8.64
C TRP A 150 -18.91 10.48 -8.97
N LEU A 151 -19.36 10.23 -10.19
CA LEU A 151 -20.59 10.82 -10.71
C LEU A 151 -21.76 9.84 -10.61
N GLY A 152 -22.86 10.29 -10.00
CA GLY A 152 -24.03 9.45 -9.83
C GLY A 152 -24.91 9.40 -11.06
N GLN A 153 -25.90 8.51 -11.02
CA GLN A 153 -26.92 8.36 -12.07
C GLN A 153 -27.93 9.52 -12.06
N ASP A 154 -27.81 10.39 -11.06
CA ASP A 154 -28.63 11.60 -10.96
C ASP A 154 -27.83 12.86 -11.30
N LYS A 155 -26.83 12.71 -12.17
CA LYS A 155 -25.97 13.82 -12.60
C LYS A 155 -25.25 14.57 -11.47
N LYS A 156 -25.40 14.09 -10.23
CA LYS A 156 -24.73 14.71 -9.08
C LYS A 156 -23.45 13.97 -8.73
N TRP A 157 -22.41 14.75 -8.43
CA TRP A 157 -21.14 14.19 -7.99
C TRP A 157 -21.20 13.86 -6.51
N ARG A 158 -20.47 12.82 -6.12
CA ARG A 158 -20.22 12.53 -4.71
C ARG A 158 -18.71 12.49 -4.45
N VAL A 159 -18.32 12.95 -3.27
CA VAL A 159 -16.95 12.86 -2.78
C VAL A 159 -17.02 12.68 -1.27
N ILE A 160 -16.10 11.89 -0.71
CA ILE A 160 -16.07 11.72 0.74
C ILE A 160 -14.83 12.36 1.34
N ILE A 161 -14.91 12.68 2.63
CA ILE A 161 -13.77 13.25 3.36
C ILE A 161 -13.63 12.54 4.69
N GLY A 162 -12.41 12.09 4.97
CA GLY A 162 -12.10 11.42 6.22
C GLY A 162 -12.27 12.38 7.37
N SER A 163 -12.95 11.92 8.41
CA SER A 163 -13.27 12.76 9.56
C SER A 163 -13.57 11.93 10.81
N LYS A 164 -13.80 12.62 11.92
CA LYS A 164 -14.26 11.98 13.15
C LYS A 164 -15.09 12.91 14.02
N ILE A 165 -16.11 12.33 14.66
CA ILE A 165 -16.85 13.00 15.74
C ILE A 165 -16.77 12.17 17.02
N HIS A 166 -16.02 12.67 18.00
CA HIS A 166 -15.83 11.99 19.30
C HIS A 166 -15.49 10.51 19.16
N ARG A 167 -14.26 10.22 18.72
CA ARG A 167 -13.79 8.82 18.57
C ARG A 167 -14.65 7.90 17.68
N ARG A 168 -15.56 8.50 16.91
CA ARG A 168 -16.26 7.81 15.84
C ARG A 168 -15.71 8.32 14.51
N GLY A 169 -15.21 7.40 13.69
CA GLY A 169 -14.70 7.75 12.36
C GLY A 169 -15.79 7.70 11.32
N LEU A 170 -15.74 8.62 10.37
CA LEU A 170 -16.74 8.66 9.30
C LEU A 170 -16.25 9.20 7.96
N ALA A 171 -16.94 8.81 6.90
CA ALA A 171 -16.68 9.34 5.58
C ALA A 171 -17.75 10.37 5.30
N ILE A 172 -17.49 11.62 5.67
CA ILE A 172 -18.41 12.70 5.39
C ILE A 172 -18.55 12.84 3.88
N THR A 173 -19.77 12.71 3.39
CA THR A 173 -20.05 12.73 1.96
C THR A 173 -20.73 14.03 1.52
N TYR A 174 -20.18 14.66 0.47
CA TYR A 174 -20.74 15.87 -0.13
C TYR A 174 -21.29 15.60 -1.52
N THR A 175 -22.36 16.29 -1.89
CA THR A 175 -22.96 16.15 -3.22
C THR A 175 -22.83 17.47 -3.97
N SER A 176 -22.80 17.40 -5.30
CA SER A 176 -22.69 18.59 -6.17
C SER A 176 -23.07 18.25 -7.60
N LYS A 177 -23.82 19.14 -8.25
CA LYS A 177 -24.29 18.88 -9.61
C LYS A 177 -23.45 19.58 -10.66
N ASP A 178 -22.54 20.44 -10.20
CA ASP A 178 -21.67 21.21 -11.11
C ASP A 178 -20.17 21.11 -10.77
N PHE A 179 -19.85 20.47 -9.64
CA PHE A 179 -18.46 20.31 -9.14
C PHE A 179 -17.89 21.64 -8.61
N LEU A 180 -18.77 22.62 -8.39
CA LEU A 180 -18.38 23.95 -7.92
C LEU A 180 -19.08 24.31 -6.62
N LYS A 181 -20.37 24.01 -6.54
CA LYS A 181 -21.18 24.21 -5.34
C LYS A 181 -21.42 22.86 -4.70
N TRP A 182 -20.80 22.63 -3.55
CA TRP A 182 -20.87 21.35 -2.84
C TRP A 182 -21.73 21.48 -1.58
N GLU A 183 -22.54 20.48 -1.29
CA GLU A 183 -23.38 20.48 -0.10
C GLU A 183 -23.28 19.17 0.66
N LYS A 184 -23.13 19.28 1.97
CA LYS A 184 -22.98 18.14 2.85
C LYS A 184 -24.28 17.34 2.92
N SER A 185 -24.16 16.03 2.73
CA SER A 185 -25.27 15.12 2.96
C SER A 185 -25.56 15.02 4.45
N PRO A 186 -26.84 14.79 4.82
CA PRO A 186 -27.20 14.68 6.23
C PRO A 186 -26.42 13.59 6.93
N GLU A 187 -26.27 12.44 6.28
CA GLU A 187 -25.58 11.32 6.88
C GLU A 187 -24.37 10.89 6.05
N PRO A 188 -23.31 10.36 6.71
CA PRO A 188 -22.09 9.90 6.03
C PRO A 188 -22.28 8.62 5.22
N LEU A 189 -21.40 8.38 4.26
CA LEU A 189 -21.45 7.17 3.44
C LEU A 189 -21.26 5.93 4.32
N HIS A 190 -20.42 6.09 5.36
CA HIS A 190 -20.19 5.05 6.37
C HIS A 190 -19.51 5.64 7.60
N TYR A 191 -19.66 4.96 8.73
CA TYR A 191 -19.03 5.36 9.99
C TYR A 191 -18.74 4.14 10.89
N ASP A 192 -17.74 4.26 11.76
CA ASP A 192 -17.44 3.23 12.74
C ASP A 192 -17.18 3.81 14.13
N ASP A 193 -17.93 3.32 15.11
CA ASP A 193 -17.72 3.71 16.49
C ASP A 193 -16.47 3.02 17.02
N GLY A 194 -15.64 3.78 17.74
CA GLY A 194 -14.48 3.21 18.41
C GLY A 194 -13.20 3.16 17.57
N SER A 195 -13.35 3.32 16.26
CA SER A 195 -12.20 3.59 15.39
C SER A 195 -11.90 5.06 15.53
N GLY A 196 -10.64 5.45 15.35
CA GLY A 196 -10.30 6.87 15.48
C GLY A 196 -10.66 7.67 14.25
N MET A 197 -9.89 8.74 14.03
CA MET A 197 -9.90 9.49 12.77
C MET A 197 -9.77 8.54 11.56
N TRP A 198 -10.49 8.86 10.49
CA TRP A 198 -10.39 8.16 9.21
C TRP A 198 -9.56 9.01 8.25
N GLU A 199 -8.30 8.64 8.04
CA GLU A 199 -7.44 9.39 7.13
C GLU A 199 -7.51 8.80 5.73
N CYS A 200 -6.92 9.50 4.75
CA CYS A 200 -6.87 9.06 3.35
C CYS A 200 -7.91 7.98 2.96
N PRO A 201 -9.22 8.34 2.97
CA PRO A 201 -10.23 7.37 2.55
C PRO A 201 -10.20 7.20 1.03
N ASP A 202 -10.69 6.05 0.55
CA ASP A 202 -10.74 5.74 -0.88
C ASP A 202 -12.02 4.96 -1.16
N PHE A 203 -12.65 5.22 -2.28
CA PHE A 203 -13.91 4.56 -2.59
C PHE A 203 -14.00 4.31 -4.09
N PHE A 204 -14.08 3.03 -4.45
CA PHE A 204 -14.03 2.62 -5.84
C PHE A 204 -14.71 1.27 -6.05
N PRO A 205 -15.22 1.04 -7.27
CA PRO A 205 -15.81 -0.24 -7.62
C PRO A 205 -14.78 -1.27 -8.08
N VAL A 206 -15.19 -2.53 -8.14
CA VAL A 206 -14.40 -3.62 -8.72
C VAL A 206 -15.35 -4.63 -9.38
N THR A 207 -14.89 -5.29 -10.44
CA THR A 207 -15.65 -6.42 -11.02
C THR A 207 -15.58 -7.60 -10.08
N ARG A 208 -16.67 -8.36 -10.00
CA ARG A 208 -16.71 -9.54 -9.12
C ARG A 208 -15.86 -10.68 -9.69
N PHE A 209 -15.82 -10.78 -11.02
CA PHE A 209 -15.00 -11.78 -11.70
C PHE A 209 -14.17 -11.13 -12.79
N GLY A 210 -12.88 -10.93 -12.52
CA GLY A 210 -11.97 -10.31 -13.48
C GLY A 210 -10.82 -9.60 -12.80
N SER A 211 -9.70 -9.50 -13.50
CA SER A 211 -8.52 -8.84 -12.97
C SER A 211 -8.50 -7.35 -13.35
N ASN A 212 -9.40 -6.97 -14.25
CA ASN A 212 -9.40 -5.62 -14.78
C ASN A 212 -9.98 -4.56 -13.86
N GLY A 213 -9.57 -3.32 -14.10
CA GLY A 213 -10.02 -2.19 -13.33
C GLY A 213 -11.32 -1.65 -13.87
N VAL A 214 -12.08 -1.01 -12.99
CA VAL A 214 -13.36 -0.40 -13.33
C VAL A 214 -13.27 1.11 -13.13
N GLU A 215 -13.68 1.87 -14.15
CA GLU A 215 -13.80 3.32 -14.04
C GLU A 215 -14.59 3.69 -12.78
N THR A 216 -14.19 4.78 -12.12
CA THR A 216 -14.66 5.12 -10.77
C THR A 216 -16.17 5.43 -10.63
N SER A 217 -16.81 5.85 -11.71
CA SER A 217 -18.22 6.26 -11.65
C SER A 217 -19.17 5.18 -12.18
N SER A 218 -18.61 4.16 -12.84
CA SER A 218 -19.38 3.13 -13.55
C SER A 218 -20.47 2.46 -12.72
N PHE A 219 -21.63 2.24 -13.33
CA PHE A 219 -22.72 1.45 -12.73
C PHE A 219 -22.87 0.13 -13.47
N GLY A 220 -22.87 0.20 -14.80
CA GLY A 220 -22.87 -0.99 -15.65
C GLY A 220 -21.45 -1.51 -15.82
N GLU A 221 -21.13 -2.08 -16.98
CA GLU A 221 -22.03 -2.20 -18.11
C GLU A 221 -22.93 -3.43 -18.00
N PRO A 222 -24.20 -3.32 -18.46
CA PRO A 222 -25.14 -4.45 -18.35
C PRO A 222 -24.84 -5.55 -19.38
N ASN A 223 -24.56 -6.76 -18.93
CA ASN A 223 -24.53 -7.13 -17.51
C ASN A 223 -23.10 -7.37 -17.02
N GLU A 224 -22.85 -7.01 -15.76
CA GLU A 224 -21.53 -7.10 -15.14
C GLU A 224 -21.70 -6.77 -13.66
N ILE A 225 -21.54 -7.76 -12.79
CA ILE A 225 -21.78 -7.56 -11.36
C ILE A 225 -20.62 -6.83 -10.69
N LEU A 226 -20.92 -5.68 -10.10
CA LEU A 226 -19.90 -4.86 -9.45
C LEU A 226 -19.87 -5.08 -7.96
N LYS A 227 -18.74 -4.72 -7.35
CA LYS A 227 -18.61 -4.66 -5.90
C LYS A 227 -17.89 -3.38 -5.55
N HIS A 228 -18.17 -2.81 -4.39
CA HIS A 228 -17.49 -1.59 -3.96
C HIS A 228 -16.54 -1.79 -2.79
N VAL A 229 -15.45 -1.03 -2.82
CA VAL A 229 -14.42 -1.09 -1.79
C VAL A 229 -14.38 0.28 -1.09
N LEU A 230 -14.48 0.26 0.24
CA LEU A 230 -14.17 1.45 1.04
C LEU A 230 -12.90 1.18 1.82
N LYS A 231 -11.88 1.97 1.54
CA LYS A 231 -10.59 1.89 2.23
C LYS A 231 -10.38 3.09 3.15
N ILE A 232 -9.91 2.84 4.36
CA ILE A 232 -9.54 3.91 5.28
C ILE A 232 -8.15 3.70 5.87
N SER A 233 -7.49 4.80 6.20
CA SER A 233 -6.22 4.77 6.92
C SER A 233 -6.50 5.13 8.37
N LEU A 234 -6.50 4.11 9.23
CA LEU A 234 -6.91 4.26 10.62
C LEU A 234 -5.79 4.88 11.44
N ALA A 235 -5.97 6.15 11.78
CA ALA A 235 -4.96 6.97 12.46
C ALA A 235 -4.40 6.33 13.73
N ASP A 236 -5.27 5.77 14.54
CA ASP A 236 -4.87 5.14 15.79
C ASP A 236 -3.94 3.95 15.57
N THR A 237 -4.37 2.99 14.74
CA THR A 237 -3.59 1.78 14.50
C THR A 237 -2.42 1.99 13.54
N LYS A 238 -2.48 3.07 12.78
CA LYS A 238 -1.50 3.37 11.71
C LYS A 238 -1.44 2.27 10.65
N HIS A 239 -2.61 1.77 10.25
CA HIS A 239 -2.74 0.78 9.17
C HIS A 239 -3.83 1.19 8.21
N ASP A 240 -3.76 0.69 6.98
CA ASP A 240 -4.83 0.88 6.02
C ASP A 240 -5.68 -0.37 5.97
N TYR A 241 -6.99 -0.18 6.10
CA TYR A 241 -7.95 -1.28 6.03
C TYR A 241 -8.93 -1.02 4.90
N TYR A 242 -9.51 -2.07 4.37
CA TYR A 242 -10.59 -1.93 3.41
C TYR A 242 -11.68 -2.93 3.74
N THR A 243 -12.89 -2.65 3.27
CA THR A 243 -13.97 -3.64 3.31
C THR A 243 -14.65 -3.68 1.96
N ILE A 244 -15.08 -4.89 1.57
CA ILE A 244 -15.82 -5.10 0.33
C ILE A 244 -17.31 -5.12 0.67
N GLY A 245 -18.10 -4.44 -0.15
CA GLY A 245 -19.55 -4.38 0.03
C GLY A 245 -20.30 -3.80 -1.16
N THR A 246 -21.55 -3.40 -0.92
CA THR A 246 -22.35 -2.81 -2.00
C THR A 246 -22.67 -1.35 -1.72
N TYR A 247 -22.89 -0.60 -2.81
CA TYR A 247 -23.16 0.82 -2.73
C TYR A 247 -24.63 1.09 -3.07
N ASP A 248 -25.43 1.23 -2.03
CA ASP A 248 -26.82 1.64 -2.17
C ASP A 248 -26.84 3.09 -2.62
N ARG A 249 -27.14 3.28 -3.90
CA ARG A 249 -27.17 4.61 -4.50
C ARG A 249 -28.42 5.40 -4.10
N VAL A 250 -29.44 4.69 -3.63
CA VAL A 250 -30.67 5.32 -3.15
C VAL A 250 -30.39 6.07 -1.85
N LYS A 251 -30.07 5.32 -0.78
CA LYS A 251 -29.69 5.92 0.51
C LYS A 251 -28.35 6.64 0.46
N ASP A 252 -27.56 6.37 -0.60
CA ASP A 252 -26.20 6.90 -0.74
C ASP A 252 -25.30 6.51 0.45
N LYS A 253 -25.47 5.26 0.89
CA LYS A 253 -24.67 4.68 1.96
C LYS A 253 -23.77 3.61 1.37
N PHE A 254 -22.80 3.16 2.15
CA PHE A 254 -22.01 1.99 1.79
C PHE A 254 -22.33 0.87 2.77
N VAL A 255 -22.69 -0.28 2.23
CA VAL A 255 -23.06 -1.44 3.05
C VAL A 255 -22.00 -2.52 2.92
N PRO A 256 -21.20 -2.72 3.98
CA PRO A 256 -20.18 -3.77 3.98
C PRO A 256 -20.83 -5.14 3.90
N ASP A 257 -20.22 -6.03 3.12
CA ASP A 257 -20.66 -7.42 3.01
C ASP A 257 -20.78 -8.06 4.39
N ASN A 258 -21.75 -8.95 4.53
CA ASN A 258 -21.84 -9.79 5.72
C ASN A 258 -20.52 -10.54 5.87
N GLY A 259 -19.90 -10.40 7.04
CA GLY A 259 -18.59 -10.96 7.28
C GLY A 259 -17.48 -9.91 7.21
N PHE A 260 -17.86 -8.66 7.47
CA PHE A 260 -16.91 -7.54 7.55
C PHE A 260 -17.37 -6.53 8.62
N LYS A 261 -16.40 -5.87 9.24
CA LYS A 261 -16.64 -4.61 9.95
C LYS A 261 -15.50 -3.65 9.59
N MET A 262 -15.85 -2.42 9.21
CA MET A 262 -14.89 -1.40 8.75
C MET A 262 -13.85 -0.98 9.82
N ASP A 263 -14.23 -1.09 11.09
CA ASP A 263 -13.32 -0.83 12.20
C ASP A 263 -12.53 -2.08 12.60
N GLY A 264 -11.20 -2.00 12.42
CA GLY A 264 -10.24 -2.91 13.05
C GLY A 264 -10.16 -4.35 12.53
N THR A 265 -11.27 -5.09 12.64
CA THR A 265 -11.34 -6.49 12.21
C THR A 265 -11.35 -6.70 10.68
N ALA A 266 -10.83 -5.73 9.94
CA ALA A 266 -10.89 -5.73 8.48
C ALA A 266 -9.58 -6.19 7.83
N PRO A 267 -9.63 -6.64 6.56
CA PRO A 267 -8.41 -6.94 5.84
C PRO A 267 -7.58 -5.68 5.58
N ARG A 268 -6.27 -5.84 5.57
CA ARG A 268 -5.38 -4.77 5.19
C ARG A 268 -4.92 -5.00 3.75
N TYR A 269 -4.61 -3.92 3.03
CA TYR A 269 -3.87 -4.05 1.78
C TYR A 269 -2.55 -4.72 2.08
N ASP A 270 -1.85 -4.22 3.10
CA ASP A 270 -0.49 -4.64 3.43
C ASP A 270 -0.29 -4.82 4.94
N TYR A 271 0.27 -5.96 5.33
CA TYR A 271 0.37 -6.32 6.76
C TYR A 271 1.69 -5.91 7.40
N GLY A 272 2.42 -5.03 6.73
CA GLY A 272 3.67 -4.49 7.24
C GLY A 272 3.63 -2.98 7.35
N LYS A 273 4.67 -2.31 6.86
CA LYS A 273 4.75 -0.86 6.93
C LYS A 273 4.20 -0.19 5.70
N TYR A 274 2.92 0.17 5.77
CA TYR A 274 2.22 0.64 4.60
C TYR A 274 1.12 1.58 5.05
N TYR A 275 1.11 2.79 4.51
CA TYR A 275 0.14 3.78 4.95
C TYR A 275 -0.28 4.78 3.89
N ALA A 276 -1.41 5.44 4.14
CA ALA A 276 -2.00 6.45 3.25
C ALA A 276 -2.21 6.01 1.80
N SER A 277 -2.62 4.76 1.60
CA SER A 277 -2.92 4.18 0.28
C SER A 277 -3.92 4.96 -0.53
N LYS A 278 -3.70 4.98 -1.84
CA LYS A 278 -4.58 5.66 -2.77
C LYS A 278 -4.56 4.96 -4.11
N THR A 279 -5.75 4.78 -4.69
CA THR A 279 -5.87 4.17 -6.01
C THR A 279 -6.21 5.20 -7.09
N PHE A 280 -5.86 4.86 -8.33
CA PHE A 280 -6.37 5.57 -9.50
C PHE A 280 -6.74 4.60 -10.62
N PHE A 281 -7.57 5.07 -11.55
CA PHE A 281 -7.99 4.23 -12.66
C PHE A 281 -7.09 4.45 -13.87
N ASP A 282 -6.34 3.42 -14.23
CA ASP A 282 -5.43 3.50 -15.35
C ASP A 282 -6.19 3.13 -16.61
N SER A 283 -6.75 4.15 -17.25
CA SER A 283 -7.56 3.98 -18.46
C SER A 283 -6.74 3.41 -19.62
N ALA A 284 -5.43 3.63 -19.59
CA ALA A 284 -4.51 3.05 -20.57
C ALA A 284 -4.51 1.52 -20.56
N LYS A 285 -4.64 0.93 -19.38
CA LYS A 285 -4.52 -0.53 -19.25
C LYS A 285 -5.74 -1.20 -18.62
N ASN A 286 -6.80 -0.43 -18.39
CA ASN A 286 -7.98 -0.91 -17.66
C ASN A 286 -7.62 -1.68 -16.40
N ARG A 287 -6.79 -1.06 -15.57
CA ARG A 287 -6.38 -1.64 -14.30
C ARG A 287 -6.44 -0.57 -13.24
N ARG A 288 -6.68 -0.97 -12.00
CA ARG A 288 -6.61 -0.05 -10.89
C ARG A 288 -5.24 -0.16 -10.24
N ILE A 289 -4.58 0.98 -10.05
CA ILE A 289 -3.28 1.02 -9.40
C ILE A 289 -3.38 1.61 -8.01
N LEU A 290 -2.72 0.94 -7.08
CA LEU A 290 -2.65 1.34 -5.68
C LEU A 290 -1.25 1.87 -5.37
N TRP A 291 -1.20 3.11 -4.86
CA TRP A 291 0.02 3.72 -4.35
C TRP A 291 0.05 3.63 -2.83
N GLY A 292 1.23 3.42 -2.27
CA GLY A 292 1.37 3.28 -0.82
C GLY A 292 2.61 3.92 -0.24
N TRP A 293 2.46 4.52 0.94
CA TRP A 293 3.57 5.19 1.59
C TRP A 293 4.16 4.31 2.70
N THR A 294 5.40 3.88 2.47
CA THR A 294 6.16 3.20 3.51
C THR A 294 7.07 4.22 4.16
N ASN A 295 6.81 4.52 5.42
CA ASN A 295 7.64 5.48 6.13
C ASN A 295 8.90 4.81 6.64
N GLU A 296 9.67 5.56 7.43
CA GLU A 296 11.00 5.11 7.82
C GLU A 296 10.96 4.25 9.09
N SER A 297 11.71 3.15 9.09
CA SER A 297 11.78 2.28 10.29
C SER A 297 13.02 2.57 11.14
N SER A 298 13.90 3.44 10.64
CA SER A 298 15.07 3.85 11.39
C SER A 298 14.70 4.98 12.36
N SER A 299 15.63 5.35 13.24
CA SER A 299 15.41 6.48 14.15
C SER A 299 15.31 7.79 13.38
N VAL A 300 14.69 8.80 14.00
CA VAL A 300 14.59 10.13 13.39
C VAL A 300 15.99 10.74 13.30
N GLU A 301 16.82 10.42 14.29
CA GLU A 301 18.23 10.80 14.28
C GLU A 301 18.87 10.38 12.95
N ASP A 302 18.70 9.10 12.58
CA ASP A 302 19.22 8.54 11.32
C ASP A 302 18.68 9.26 10.10
N ASP A 303 17.40 9.59 10.13
CA ASP A 303 16.73 10.24 8.99
C ASP A 303 17.33 11.60 8.70
N VAL A 304 17.45 12.44 9.72
CA VAL A 304 18.08 13.76 9.53
C VAL A 304 19.56 13.60 9.17
N GLU A 305 20.19 12.55 9.71
CA GLU A 305 21.59 12.24 9.42
C GLU A 305 21.81 11.89 7.96
N LYS A 306 20.92 11.08 7.38
CA LYS A 306 20.99 10.74 5.95
C LYS A 306 20.33 11.81 5.07
N GLY A 307 19.55 12.69 5.70
CA GLY A 307 18.93 13.82 5.00
C GLY A 307 17.73 13.53 4.11
N TRP A 308 17.04 12.42 4.38
CA TRP A 308 15.79 12.07 3.67
C TRP A 308 15.00 11.07 4.52
N SER A 309 13.70 10.95 4.25
CA SER A 309 12.84 9.99 4.95
C SER A 309 11.58 9.70 4.15
N GLY A 310 11.29 8.42 3.96
CA GLY A 310 10.05 8.00 3.33
C GLY A 310 10.17 7.63 1.87
N ILE A 311 9.62 6.46 1.54
CA ILE A 311 9.57 5.97 0.16
C ILE A 311 8.13 5.67 -0.25
N GLN A 312 7.96 5.24 -1.48
CA GLN A 312 6.68 4.83 -1.97
C GLN A 312 6.85 3.41 -2.47
N THR A 313 5.99 2.48 -2.04
CA THR A 313 6.04 1.14 -2.61
C THR A 313 5.93 1.25 -4.12
N ILE A 314 6.46 0.25 -4.81
CA ILE A 314 6.25 0.15 -6.25
C ILE A 314 4.74 -0.11 -6.46
N PRO A 315 4.13 0.63 -7.42
CA PRO A 315 2.68 0.63 -7.57
C PRO A 315 2.11 -0.76 -7.77
N ARG A 316 0.99 -1.03 -7.12
CA ARG A 316 0.33 -2.32 -7.23
C ARG A 316 -0.86 -2.27 -8.16
N LYS A 317 -1.02 -3.32 -8.96
CA LYS A 317 -2.27 -3.57 -9.65
C LYS A 317 -3.18 -4.26 -8.66
N ILE A 318 -4.43 -3.81 -8.58
CA ILE A 318 -5.34 -4.32 -7.58
C ILE A 318 -6.66 -4.75 -8.21
N TRP A 319 -7.17 -5.91 -7.78
CA TRP A 319 -8.46 -6.42 -8.24
C TRP A 319 -9.04 -7.40 -7.21
N LEU A 320 -10.31 -7.77 -7.38
CA LEU A 320 -11.00 -8.69 -6.45
C LEU A 320 -10.58 -10.15 -6.65
N ASP A 321 -10.42 -10.89 -5.56
CA ASP A 321 -10.24 -12.34 -5.62
C ASP A 321 -11.57 -12.99 -6.01
N ARG A 322 -11.48 -14.16 -6.63
CA ARG A 322 -12.63 -14.90 -7.17
C ARG A 322 -13.68 -15.23 -6.10
N SER A 323 -13.23 -15.56 -4.89
CA SER A 323 -14.11 -15.89 -3.78
C SER A 323 -14.82 -14.67 -3.16
N GLY A 324 -14.46 -13.48 -3.62
CA GLY A 324 -15.10 -12.23 -3.21
C GLY A 324 -14.81 -11.74 -1.80
N LYS A 325 -13.88 -12.41 -1.11
CA LYS A 325 -13.62 -12.10 0.29
C LYS A 325 -12.46 -11.14 0.51
N GLN A 326 -11.56 -11.03 -0.47
CA GLN A 326 -10.41 -10.13 -0.34
C GLN A 326 -9.96 -9.57 -1.68
N LEU A 327 -9.04 -8.60 -1.62
CA LEU A 327 -8.45 -8.02 -2.82
C LEU A 327 -7.10 -8.63 -3.08
N ILE A 328 -6.75 -8.76 -4.37
CA ILE A 328 -5.42 -9.18 -4.78
C ILE A 328 -4.64 -7.94 -5.26
N GLN A 329 -3.36 -7.89 -4.88
CA GLN A 329 -2.43 -6.90 -5.39
C GLN A 329 -1.23 -7.60 -6.03
N TRP A 330 -0.61 -6.94 -7.00
CA TRP A 330 0.59 -7.48 -7.65
C TRP A 330 1.38 -6.34 -8.29
N PRO A 331 2.69 -6.25 -7.99
CA PRO A 331 3.53 -5.19 -8.55
C PRO A 331 3.34 -5.03 -10.06
N VAL A 332 3.07 -3.81 -10.51
CA VAL A 332 2.80 -3.51 -11.93
C VAL A 332 3.82 -4.20 -12.85
N ARG A 333 3.31 -4.82 -13.93
CA ARG A 333 4.16 -5.61 -14.83
C ARG A 333 5.42 -4.86 -15.25
N GLU A 334 5.26 -3.56 -15.52
CA GLU A 334 6.37 -2.70 -15.94
C GLU A 334 7.65 -2.86 -15.11
N VAL A 335 7.51 -3.03 -13.79
CA VAL A 335 8.70 -3.16 -12.94
C VAL A 335 9.59 -4.32 -13.35
N GLU A 336 9.01 -5.31 -14.05
CA GLU A 336 9.75 -6.48 -14.50
C GLU A 336 10.70 -6.13 -15.65
N ARG A 337 10.46 -4.99 -16.28
CA ARG A 337 11.37 -4.44 -17.28
C ARG A 337 12.75 -4.11 -16.70
N LEU A 338 12.81 -3.95 -15.38
CA LEU A 338 14.07 -3.59 -14.69
C LEU A 338 14.98 -4.80 -14.50
N ARG A 339 14.46 -5.99 -14.78
CA ARG A 339 15.20 -7.24 -14.60
C ARG A 339 16.30 -7.40 -15.64
N THR A 340 17.46 -7.85 -15.20
CA THR A 340 18.54 -8.20 -16.12
C THR A 340 18.09 -9.42 -16.93
N LYS A 341 18.63 -9.57 -18.13
CA LYS A 341 18.27 -10.69 -19.00
C LYS A 341 18.84 -12.02 -18.50
N GLN A 342 19.93 -11.97 -17.74
CA GLN A 342 20.44 -13.13 -16.99
C GLN A 342 19.52 -13.36 -15.81
N VAL A 343 19.27 -14.62 -15.46
CA VAL A 343 18.36 -14.94 -14.36
C VAL A 343 18.77 -16.22 -13.63
N LYS A 344 19.14 -16.08 -12.36
CA LYS A 344 19.52 -17.26 -11.58
C LYS A 344 18.31 -18.14 -11.28
N ASN A 345 18.40 -19.39 -11.74
CA ASN A 345 17.29 -20.33 -11.67
C ASN A 345 17.66 -21.61 -10.94
N LEU A 346 16.85 -21.96 -9.97
CA LEU A 346 17.02 -23.20 -9.24
C LEU A 346 15.71 -23.96 -9.21
N ARG A 347 15.75 -25.22 -9.66
CA ARG A 347 14.56 -26.06 -9.66
C ARG A 347 14.77 -27.41 -9.00
N ASN A 348 13.68 -27.96 -8.46
CA ASN A 348 13.66 -29.27 -7.81
C ASN A 348 14.86 -29.47 -6.88
N LYS A 349 15.08 -28.52 -5.98
CA LYS A 349 16.11 -28.62 -4.94
C LYS A 349 15.45 -28.91 -3.60
N VAL A 350 15.93 -29.91 -2.87
CA VAL A 350 15.36 -30.22 -1.57
C VAL A 350 16.01 -29.43 -0.45
N LEU A 351 15.19 -28.92 0.46
CA LEU A 351 15.67 -28.29 1.69
C LEU A 351 15.38 -29.20 2.86
N LYS A 352 16.37 -29.98 3.27
CA LYS A 352 16.25 -30.83 4.44
C LYS A 352 15.96 -29.98 5.69
N SER A 353 15.48 -30.62 6.75
CA SER A 353 15.28 -29.95 8.02
C SER A 353 16.55 -29.20 8.45
N GLY A 354 16.39 -27.92 8.78
CA GLY A 354 17.49 -27.08 9.25
C GLY A 354 18.46 -26.59 8.18
N SER A 355 18.06 -26.70 6.91
CA SER A 355 18.96 -26.32 5.81
C SER A 355 18.72 -24.90 5.27
N ARG A 356 19.67 -24.44 4.45
CA ARG A 356 19.55 -23.19 3.69
C ARG A 356 20.38 -23.26 2.42
N LEU A 357 19.96 -22.52 1.39
CA LEU A 357 20.59 -22.60 0.08
C LEU A 357 20.87 -21.20 -0.48
N GLU A 358 22.16 -20.83 -0.50
CA GLU A 358 22.61 -19.54 -1.02
C GLU A 358 22.27 -19.51 -2.50
N VAL A 359 21.80 -18.35 -2.97
CA VAL A 359 21.55 -18.18 -4.40
C VAL A 359 22.45 -17.07 -4.94
N TYR A 360 23.48 -17.48 -5.70
CA TYR A 360 24.50 -16.56 -6.19
C TYR A 360 24.11 -15.98 -7.56
N GLY A 361 24.97 -15.12 -8.08
CA GLY A 361 24.78 -14.52 -9.40
C GLY A 361 23.74 -13.42 -9.48
N VAL A 362 23.43 -12.80 -8.35
CA VAL A 362 22.49 -11.66 -8.31
C VAL A 362 22.99 -10.51 -7.43
N THR A 363 22.69 -9.29 -7.85
CA THR A 363 22.81 -8.12 -6.98
C THR A 363 21.76 -8.25 -5.87
N ALA A 364 22.18 -8.81 -4.74
CA ALA A 364 21.25 -9.30 -3.71
C ALA A 364 20.61 -8.22 -2.83
N ALA A 365 21.01 -6.96 -3.00
CA ALA A 365 20.36 -5.85 -2.31
C ALA A 365 19.38 -5.11 -3.23
N GLN A 366 19.40 -5.46 -4.51
CA GLN A 366 18.54 -4.87 -5.52
C GLN A 366 18.12 -5.97 -6.48
N ALA A 367 17.07 -6.71 -6.10
CA ALA A 367 16.68 -7.95 -6.81
C ALA A 367 15.20 -8.30 -6.69
N ASP A 368 14.75 -9.16 -7.61
CA ASP A 368 13.41 -9.73 -7.59
C ASP A 368 13.59 -11.24 -7.51
N VAL A 369 12.94 -11.85 -6.52
CA VAL A 369 13.04 -13.30 -6.34
C VAL A 369 11.65 -13.91 -6.16
N GLU A 370 11.40 -15.02 -6.87
CA GLU A 370 10.12 -15.76 -6.84
C GLU A 370 10.37 -17.23 -6.55
N VAL A 371 9.67 -17.76 -5.54
CA VAL A 371 9.87 -19.14 -5.13
C VAL A 371 8.56 -19.92 -5.18
N LEU A 372 8.65 -21.22 -5.47
CA LEU A 372 7.54 -22.13 -5.31
C LEU A 372 7.95 -23.25 -4.37
N PHE A 373 7.29 -23.30 -3.21
CA PHE A 373 7.55 -24.34 -2.24
C PHE A 373 6.46 -25.39 -2.31
N LYS A 374 6.85 -26.67 -2.35
CA LYS A 374 5.90 -27.77 -2.26
C LYS A 374 6.07 -28.51 -0.95
N VAL A 375 4.95 -28.71 -0.27
CA VAL A 375 4.89 -29.47 0.97
C VAL A 375 4.70 -30.96 0.67
N ARG A 376 5.54 -31.79 1.27
CA ARG A 376 5.49 -33.23 1.01
C ARG A 376 4.25 -33.94 1.60
N ASP A 377 4.00 -33.77 2.89
CA ASP A 377 2.93 -34.48 3.58
C ASP A 377 2.19 -33.54 4.54
N LEU A 378 1.03 -33.07 4.12
CA LEU A 378 0.25 -32.10 4.90
C LEU A 378 -0.24 -32.63 6.25
N GLU A 379 -0.37 -33.95 6.38
CA GLU A 379 -0.77 -34.59 7.63
C GLU A 379 0.25 -34.35 8.77
N LYS A 380 1.34 -33.68 8.44
CA LYS A 380 2.44 -33.45 9.38
C LYS A 380 2.41 -32.08 10.05
N ALA A 381 1.64 -31.16 9.50
CA ALA A 381 1.49 -29.80 10.06
C ALA A 381 0.81 -29.84 11.42
N ASP A 382 1.34 -29.08 12.38
CA ASP A 382 0.74 -29.05 13.72
C ASP A 382 -0.64 -28.42 13.66
N VAL A 383 -1.56 -28.95 14.46
CA VAL A 383 -2.87 -28.34 14.65
C VAL A 383 -2.69 -27.00 15.36
N ILE A 384 -3.23 -25.93 14.77
CA ILE A 384 -3.09 -24.58 15.31
C ILE A 384 -3.69 -24.45 16.73
N GLU A 385 -2.89 -23.87 17.63
CA GLU A 385 -3.29 -23.62 19.00
C GLU A 385 -4.61 -22.82 19.03
N PRO A 386 -5.55 -23.19 19.93
CA PRO A 386 -6.92 -22.66 19.96
C PRO A 386 -7.07 -21.14 19.85
N SER A 387 -6.30 -20.40 20.65
CA SER A 387 -6.48 -18.94 20.76
C SER A 387 -5.45 -18.15 19.93
N TRP A 388 -5.05 -18.71 18.79
CA TRP A 388 -4.10 -18.07 17.89
C TRP A 388 -4.83 -17.43 16.70
N THR A 389 -5.34 -16.23 16.92
CA THR A 389 -6.16 -15.54 15.94
C THR A 389 -5.41 -14.40 15.27
N ASP A 390 -4.49 -13.77 16.00
CA ASP A 390 -3.71 -12.68 15.47
C ASP A 390 -2.46 -13.24 14.77
N PRO A 391 -2.37 -13.04 13.44
CA PRO A 391 -1.20 -13.58 12.72
C PRO A 391 0.10 -12.83 13.05
N GLN A 392 0.01 -11.58 13.52
CA GLN A 392 1.21 -10.82 13.89
C GLN A 392 1.78 -11.33 15.21
N LEU A 393 0.89 -11.68 16.14
CA LEU A 393 1.29 -12.23 17.43
C LEU A 393 1.89 -13.64 17.34
N ILE A 394 1.54 -14.40 16.30
CA ILE A 394 2.12 -15.73 16.10
C ILE A 394 3.58 -15.60 15.69
N CYS A 395 3.82 -14.83 14.63
CA CYS A 395 5.16 -14.59 14.10
C CYS A 395 6.13 -13.99 15.14
N SER A 396 5.63 -13.09 15.98
CA SER A 396 6.48 -12.48 16.99
C SER A 396 6.68 -13.37 18.23
N LYS A 397 5.73 -14.28 18.47
CA LYS A 397 5.89 -15.24 19.57
C LYS A 397 6.91 -16.31 19.21
N MET A 398 6.89 -16.74 17.96
CA MET A 398 7.82 -17.79 17.54
C MET A 398 8.66 -17.43 16.31
N ASN A 399 9.92 -17.12 16.59
CA ASN A 399 10.91 -16.74 15.59
C ASN A 399 11.37 -17.92 14.74
N VAL A 400 12.33 -17.71 13.83
CA VAL A 400 12.84 -18.79 12.97
C VAL A 400 13.54 -19.89 13.76
N SER A 401 13.90 -19.59 15.01
CA SER A 401 14.51 -20.57 15.90
C SER A 401 13.50 -21.62 16.37
N VAL A 402 12.24 -21.21 16.59
CA VAL A 402 11.18 -22.15 16.96
C VAL A 402 10.68 -22.90 15.72
N LYS A 403 10.58 -24.22 15.83
CA LYS A 403 10.32 -25.09 14.69
C LYS A 403 8.93 -25.71 14.72
N SER A 404 8.24 -25.64 13.58
CA SER A 404 6.94 -26.28 13.42
C SER A 404 7.07 -27.54 12.55
N GLY A 405 6.03 -28.36 12.53
CA GLY A 405 5.97 -29.52 11.66
C GLY A 405 6.32 -29.07 10.27
N LEU A 406 5.48 -28.21 9.70
CA LEU A 406 5.75 -27.56 8.43
C LEU A 406 6.03 -26.08 8.67
N GLY A 407 7.24 -25.66 8.33
CA GLY A 407 7.68 -24.30 8.60
C GLY A 407 8.54 -24.21 9.84
N PRO A 408 9.37 -23.15 9.93
CA PRO A 408 9.48 -22.04 8.99
C PRO A 408 10.28 -22.38 7.75
N PHE A 409 9.76 -22.05 6.57
CA PHE A 409 10.52 -22.14 5.33
C PHE A 409 10.22 -20.93 4.44
N GLY A 410 11.21 -20.49 3.70
CA GLY A 410 11.03 -19.33 2.83
C GLY A 410 12.34 -18.71 2.44
N LEU A 411 12.43 -17.38 2.55
CA LEU A 411 13.63 -16.67 2.12
C LEU A 411 14.27 -15.89 3.26
N MET A 412 15.59 -15.82 3.20
CA MET A 412 16.36 -14.90 4.01
C MET A 412 16.94 -13.88 3.06
N VAL A 413 16.44 -12.66 3.15
CA VAL A 413 16.83 -11.58 2.27
C VAL A 413 17.70 -10.61 3.04
N LEU A 414 18.41 -9.73 2.31
CA LEU A 414 19.31 -8.73 2.90
C LEU A 414 20.14 -9.33 4.03
N ALA A 415 20.96 -10.31 3.69
CA ALA A 415 21.66 -11.13 4.67
C ALA A 415 23.17 -11.00 4.55
N SER A 416 23.83 -10.96 5.72
CA SER A 416 25.29 -10.92 5.80
C SER A 416 25.87 -12.31 5.59
N LYS A 417 27.09 -12.36 5.07
CA LYS A 417 27.80 -13.61 4.76
C LYS A 417 27.60 -14.69 5.82
N ASN A 418 27.85 -14.31 7.09
CA ASN A 418 27.76 -15.24 8.20
C ASN A 418 26.43 -15.19 8.98
N LEU A 419 25.43 -14.54 8.39
CA LEU A 419 24.06 -14.53 8.89
C LEU A 419 23.84 -13.88 10.26
N GLU A 420 24.70 -12.92 10.61
CA GLU A 420 24.48 -12.14 11.82
C GLU A 420 23.34 -11.16 11.56
N GLU A 421 23.21 -10.77 10.30
CA GLU A 421 22.10 -9.98 9.82
C GLU A 421 21.37 -10.75 8.72
N TYR A 422 20.04 -10.86 8.87
CA TYR A 422 19.16 -11.41 7.82
C TYR A 422 17.72 -10.97 8.08
N THR A 423 16.96 -10.81 7.01
CA THR A 423 15.52 -10.61 7.14
C THR A 423 14.82 -11.84 6.59
N SER A 424 14.05 -12.49 7.43
CA SER A 424 13.43 -13.76 7.06
C SER A 424 11.96 -13.57 6.70
N VAL A 425 11.64 -13.90 5.44
CA VAL A 425 10.25 -13.93 4.98
C VAL A 425 9.87 -15.38 4.74
N TYR A 426 8.83 -15.84 5.40
CA TYR A 426 8.57 -17.27 5.43
C TYR A 426 7.12 -17.71 5.67
N PHE A 427 6.90 -19.02 5.56
CA PHE A 427 5.60 -19.64 5.79
C PHE A 427 5.64 -20.60 6.96
N ARG A 428 4.47 -20.82 7.56
CA ARG A 428 4.20 -21.95 8.44
C ARG A 428 2.83 -22.51 8.05
N ILE A 429 2.63 -23.82 8.17
CA ILE A 429 1.31 -24.40 7.91
C ILE A 429 0.75 -25.14 9.12
N PHE A 430 -0.54 -24.96 9.37
CA PHE A 430 -1.21 -25.62 10.46
C PHE A 430 -2.46 -26.31 9.93
N LYS A 431 -3.00 -27.23 10.73
CA LYS A 431 -4.34 -27.75 10.49
C LYS A 431 -5.26 -26.88 11.35
N ALA A 432 -6.41 -26.50 10.80
CA ALA A 432 -7.34 -25.63 11.53
C ALA A 432 -8.20 -26.39 12.54
N ARG A 433 -8.69 -25.67 13.55
CA ARG A 433 -9.65 -26.22 14.54
C ARG A 433 -11.08 -26.35 13.97
N GLN A 434 -11.20 -26.93 12.78
CA GLN A 434 -12.50 -27.15 12.12
C GLN A 434 -12.73 -28.63 11.89
N ASN A 435 -13.97 -28.99 11.55
CA ASN A 435 -14.32 -30.39 11.23
C ASN A 435 -13.93 -30.77 9.80
N SER A 436 -13.96 -29.77 8.91
CA SER A 436 -13.36 -29.89 7.58
C SER A 436 -11.85 -29.76 7.68
N ASN A 437 -11.13 -30.57 6.93
CA ASN A 437 -9.68 -30.51 6.90
C ASN A 437 -9.17 -29.24 6.21
N LYS A 438 -9.20 -28.12 6.92
CA LYS A 438 -8.65 -26.89 6.38
C LYS A 438 -7.32 -26.53 7.04
N TYR A 439 -6.40 -26.05 6.21
CA TYR A 439 -5.07 -25.66 6.68
C TYR A 439 -4.96 -24.13 6.76
N VAL A 440 -4.18 -23.66 7.73
CA VAL A 440 -3.91 -22.24 7.88
C VAL A 440 -2.50 -21.98 7.41
N VAL A 441 -2.37 -21.15 6.38
CA VAL A 441 -1.04 -20.75 5.92
C VAL A 441 -0.65 -19.42 6.54
N LEU A 442 0.47 -19.42 7.24
CA LEU A 442 1.00 -18.23 7.87
C LEU A 442 2.15 -17.65 7.06
N MET A 443 2.08 -16.34 6.80
CA MET A 443 3.21 -15.63 6.22
C MET A 443 3.74 -14.64 7.24
N CYS A 444 5.04 -14.71 7.51
CA CYS A 444 5.69 -13.79 8.41
C CYS A 444 6.75 -13.01 7.69
N SER A 445 6.99 -11.79 8.17
CA SER A 445 8.13 -11.03 7.76
C SER A 445 8.88 -10.66 9.03
N ASP A 446 9.81 -11.54 9.42
CA ASP A 446 10.57 -11.35 10.65
C ASP A 446 11.81 -10.50 10.37
N GLN A 447 11.91 -9.36 11.08
CA GLN A 447 13.09 -8.51 10.98
C GLN A 447 13.72 -8.14 12.33
N SER A 448 13.64 -9.06 13.28
CA SER A 448 14.28 -8.90 14.58
C SER A 448 15.80 -9.14 14.50
N ARG A 449 16.23 -9.91 13.51
CA ARG A 449 17.65 -10.18 13.29
C ARG A 449 18.14 -9.39 12.06
N SER A 450 17.35 -8.38 11.70
CA SER A 450 17.49 -7.64 10.44
C SER A 450 18.73 -6.79 10.31
N SER A 451 19.08 -6.10 11.40
CA SER A 451 20.19 -5.16 11.43
C SER A 451 20.88 -5.14 12.80
N LEU A 452 22.18 -4.90 12.78
CA LEU A 452 22.96 -4.80 14.01
C LEU A 452 22.76 -3.44 14.70
N LYS A 453 22.38 -2.42 13.92
CA LYS A 453 22.00 -1.14 14.50
C LYS A 453 20.82 -1.40 15.42
N GLU A 454 20.95 -1.03 16.69
CA GLU A 454 19.98 -1.50 17.67
C GLU A 454 18.68 -0.70 17.74
N ASP A 455 18.74 0.61 17.46
CA ASP A 455 17.56 1.47 17.60
C ASP A 455 16.71 1.61 16.34
N ASN A 456 16.90 0.69 15.39
CA ASN A 456 15.96 0.48 14.28
C ASN A 456 14.67 -0.15 14.76
N ASP A 457 13.56 0.12 14.07
CA ASP A 457 12.29 -0.54 14.36
C ASP A 457 12.26 -1.99 13.83
N LYS A 458 12.36 -2.94 14.74
CA LYS A 458 12.45 -4.34 14.39
C LYS A 458 11.10 -5.06 14.49
N THR A 459 10.00 -4.31 14.46
CA THR A 459 8.66 -4.92 14.57
C THR A 459 8.49 -6.00 13.51
N THR A 460 8.06 -7.18 13.95
CA THR A 460 7.78 -8.31 13.07
C THR A 460 6.34 -8.22 12.57
N TYR A 461 6.17 -8.36 11.26
CA TYR A 461 4.86 -8.31 10.61
C TYR A 461 4.37 -9.71 10.25
N GLY A 462 3.06 -9.88 10.18
CA GLY A 462 2.45 -11.19 9.94
C GLY A 462 1.10 -11.17 9.27
N ALA A 463 0.80 -12.24 8.52
CA ALA A 463 -0.44 -12.35 7.75
C ALA A 463 -0.83 -13.81 7.48
N PHE A 464 -2.14 -14.04 7.38
CA PHE A 464 -2.66 -15.30 6.89
C PHE A 464 -2.83 -15.20 5.38
N VAL A 465 -2.65 -16.33 4.69
CA VAL A 465 -2.79 -16.36 3.23
C VAL A 465 -3.89 -17.35 2.88
N ASP A 466 -4.84 -16.93 2.05
CA ASP A 466 -5.90 -17.83 1.60
C ASP A 466 -5.48 -18.63 0.37
N ILE A 467 -4.55 -19.55 0.59
CA ILE A 467 -4.14 -20.48 -0.45
C ILE A 467 -4.13 -21.91 0.07
N ASN A 468 -4.33 -22.85 -0.86
CA ASN A 468 -4.37 -24.25 -0.53
C ASN A 468 -2.97 -24.85 -0.57
N PRO A 469 -2.52 -25.42 0.56
CA PRO A 469 -1.16 -25.98 0.66
C PRO A 469 -1.01 -27.32 -0.05
N HIS A 470 -2.08 -27.83 -0.66
CA HIS A 470 -1.99 -29.00 -1.52
C HIS A 470 -1.20 -28.65 -2.78
N GLN A 471 -1.47 -27.44 -3.32
CA GLN A 471 -0.68 -26.92 -4.42
C GLN A 471 0.55 -26.19 -3.84
N PRO A 472 1.57 -25.95 -4.69
CA PRO A 472 2.77 -25.29 -4.17
C PRO A 472 2.58 -23.82 -3.76
N LEU A 473 3.16 -23.45 -2.62
CA LEU A 473 3.06 -22.12 -2.04
C LEU A 473 3.99 -21.14 -2.74
N SER A 474 3.41 -20.09 -3.31
CA SER A 474 4.14 -19.06 -4.04
C SER A 474 4.56 -17.87 -3.16
N LEU A 475 5.84 -17.49 -3.25
CA LEU A 475 6.36 -16.33 -2.53
C LEU A 475 7.28 -15.46 -3.41
N ARG A 476 6.93 -14.20 -3.59
CA ARG A 476 7.80 -13.23 -4.25
C ARG A 476 8.27 -12.21 -3.22
N ALA A 477 9.46 -11.68 -3.44
CA ALA A 477 9.99 -10.60 -2.63
C ALA A 477 10.80 -9.67 -3.52
N LEU A 478 10.39 -8.41 -3.61
CA LEU A 478 11.21 -7.36 -4.22
C LEU A 478 12.16 -6.85 -3.14
N ILE A 479 13.45 -6.90 -3.43
CA ILE A 479 14.48 -6.49 -2.49
C ILE A 479 15.14 -5.21 -2.98
N ASP A 480 15.03 -4.13 -2.21
CA ASP A 480 15.63 -2.83 -2.63
C ASP A 480 16.32 -2.06 -1.50
N HIS A 481 17.49 -2.58 -1.09
CA HIS A 481 18.38 -1.97 -0.10
C HIS A 481 17.85 -1.83 1.34
N SER A 482 16.84 -0.97 1.53
CA SER A 482 16.24 -0.79 2.86
C SER A 482 14.74 -1.13 2.87
N VAL A 483 14.29 -1.79 1.81
CA VAL A 483 12.91 -2.21 1.71
C VAL A 483 12.78 -3.59 1.05
N VAL A 484 12.02 -4.46 1.70
CA VAL A 484 11.59 -5.71 1.08
C VAL A 484 10.07 -5.70 0.99
N GLU A 485 9.56 -6.03 -0.19
CA GLU A 485 8.13 -6.15 -0.40
C GLU A 485 7.80 -7.60 -0.68
N SER A 486 7.30 -8.29 0.34
CA SER A 486 7.00 -9.71 0.24
C SER A 486 5.57 -9.91 -0.21
N PHE A 487 5.41 -10.81 -1.18
CA PHE A 487 4.11 -11.18 -1.70
C PHE A 487 3.90 -12.68 -1.58
N GLY A 488 2.86 -13.06 -0.83
CA GLY A 488 2.51 -14.47 -0.63
C GLY A 488 1.23 -14.85 -1.35
N GLY A 489 1.16 -16.11 -1.77
CA GLY A 489 0.01 -16.62 -2.51
C GLY A 489 -0.36 -15.80 -3.75
N LYS A 490 0.66 -15.49 -4.56
CA LYS A 490 0.46 -14.68 -5.77
C LYS A 490 -0.34 -13.41 -5.54
N GLY A 491 -0.01 -12.68 -4.47
CA GLY A 491 -0.65 -11.39 -4.20
C GLY A 491 -1.81 -11.41 -3.20
N ARG A 492 -2.08 -12.57 -2.63
CA ARG A 492 -3.15 -12.72 -1.63
C ARG A 492 -2.76 -12.14 -0.27
N ALA A 493 -1.45 -12.06 -0.01
CA ALA A 493 -0.96 -11.39 1.19
C ALA A 493 0.34 -10.67 0.87
N CYS A 494 0.40 -9.39 1.25
CA CYS A 494 1.57 -8.54 1.00
C CYS A 494 2.09 -7.96 2.30
N ILE A 495 3.41 -8.04 2.48
CA ILE A 495 4.06 -7.41 3.62
C ILE A 495 5.25 -6.56 3.19
N THR A 496 5.19 -5.28 3.52
CA THR A 496 6.32 -4.37 3.34
C THR A 496 6.99 -4.18 4.71
N SER A 497 8.31 -4.19 4.70
CA SER A 497 9.11 -3.95 5.90
C SER A 497 10.27 -3.03 5.56
N ARG A 498 10.87 -2.44 6.58
CA ARG A 498 12.02 -1.55 6.34
C ARG A 498 13.23 -1.96 7.15
N VAL A 499 14.35 -2.08 6.45
CA VAL A 499 15.50 -2.80 6.98
C VAL A 499 16.79 -2.02 6.71
N TYR A 500 17.60 -1.86 7.76
CA TYR A 500 18.79 -1.00 7.66
C TYR A 500 20.06 -1.71 8.11
N PRO A 501 20.52 -2.70 7.32
CA PRO A 501 21.65 -3.53 7.74
C PRO A 501 22.95 -2.73 7.84
N LYS A 502 23.86 -3.17 8.70
CA LYS A 502 25.20 -2.57 8.76
C LYS A 502 26.24 -3.38 7.98
N LEU A 503 25.98 -4.67 7.81
CA LEU A 503 26.85 -5.54 7.03
C LEU A 503 26.28 -5.81 5.66
N ALA A 504 25.02 -6.28 5.63
CA ALA A 504 24.35 -6.66 4.40
C ALA A 504 24.01 -5.45 3.53
N ILE A 505 25.04 -4.92 2.87
CA ILE A 505 24.90 -3.76 1.98
C ILE A 505 25.68 -3.98 0.68
N GLY A 506 25.07 -3.53 -0.42
CA GLY A 506 25.61 -3.66 -1.78
C GLY A 506 26.23 -5.01 -2.13
N LYS A 507 27.52 -4.96 -2.42
CA LYS A 507 28.36 -6.12 -2.70
C LYS A 507 28.26 -7.22 -1.63
N SER A 508 27.93 -6.84 -0.40
CA SER A 508 28.03 -7.75 0.74
C SER A 508 26.71 -8.36 1.23
N SER A 509 25.74 -8.51 0.33
CA SER A 509 24.44 -9.09 0.70
C SER A 509 24.12 -10.36 -0.07
N HIS A 510 23.48 -11.30 0.63
CA HIS A 510 22.78 -12.47 0.06
C HIS A 510 21.39 -12.27 0.70
N LEU A 511 20.34 -13.11 0.59
CA LEU A 511 19.93 -14.13 -0.40
C LEU A 511 20.13 -15.62 -0.13
N PHE A 512 19.18 -16.15 0.64
CA PHE A 512 19.05 -17.57 0.96
C PHE A 512 17.61 -18.01 0.80
N ALA A 513 17.43 -19.28 0.41
CA ALA A 513 16.19 -20.00 0.66
C ALA A 513 16.51 -20.81 1.88
N PHE A 514 15.51 -21.10 2.71
CA PHE A 514 15.78 -21.87 3.94
C PHE A 514 14.58 -22.68 4.42
N ASN A 515 14.84 -23.54 5.39
CA ASN A 515 13.83 -24.40 6.01
C ASN A 515 14.31 -24.94 7.35
N TYR A 516 13.79 -24.39 8.45
CA TYR A 516 14.15 -24.80 9.81
C TYR A 516 13.06 -25.64 10.49
N GLY A 517 12.06 -26.05 9.73
CA GLY A 517 10.99 -26.89 10.23
C GLY A 517 11.40 -28.35 10.37
N TYR A 518 10.56 -29.12 11.04
CA TYR A 518 10.82 -30.54 11.29
C TYR A 518 10.89 -31.37 10.01
N GLN A 519 10.03 -31.04 9.05
CA GLN A 519 9.91 -31.79 7.78
C GLN A 519 10.64 -31.08 6.65
N SER A 520 11.25 -31.87 5.77
CA SER A 520 11.99 -31.29 4.66
C SER A 520 11.06 -30.92 3.52
N VAL A 521 11.04 -29.64 3.17
CA VAL A 521 10.20 -29.16 2.07
C VAL A 521 11.00 -29.01 0.80
N ASP A 522 10.32 -29.10 -0.34
CA ASP A 522 10.95 -29.01 -1.64
C ASP A 522 10.83 -27.61 -2.21
N VAL A 523 11.93 -27.10 -2.78
CA VAL A 523 11.90 -25.89 -3.60
C VAL A 523 11.62 -26.34 -5.02
N LEU A 524 10.39 -26.10 -5.49
CA LEU A 524 9.96 -26.54 -6.80
C LEU A 524 10.62 -25.71 -7.90
N ASN A 525 10.70 -24.40 -7.66
CA ASN A 525 11.28 -23.45 -8.61
C ASN A 525 11.73 -22.19 -7.90
N LEU A 526 12.84 -21.61 -8.37
CA LEU A 526 13.38 -20.38 -7.82
C LEU A 526 13.96 -19.57 -8.96
N ASN A 527 13.31 -18.44 -9.26
CA ASN A 527 13.88 -17.48 -10.19
C ASN A 527 14.33 -16.25 -9.44
N ALA A 528 15.52 -15.77 -9.78
CA ALA A 528 16.09 -14.59 -9.15
C ALA A 528 16.66 -13.71 -10.25
N TRP A 529 16.13 -12.49 -10.33
CA TRP A 529 16.63 -11.49 -11.25
C TRP A 529 17.34 -10.40 -10.47
N SER A 530 18.52 -10.00 -10.96
CA SER A 530 19.17 -8.77 -10.53
C SER A 530 18.35 -7.63 -11.08
N MET A 531 18.24 -6.54 -10.31
CA MET A 531 17.38 -5.42 -10.67
C MET A 531 18.18 -4.16 -10.99
N ASN A 532 17.95 -3.60 -12.17
CA ASN A 532 18.57 -2.34 -12.56
C ASN A 532 17.92 -1.17 -11.83
N SER A 533 18.69 -0.11 -11.62
CA SER A 533 18.18 1.10 -10.97
C SER A 533 17.22 1.84 -11.90
N ALA A 534 16.26 2.56 -11.31
CA ALA A 534 15.24 3.27 -12.08
C ALA A 534 15.62 4.72 -12.29
N GLN A 535 14.81 5.44 -13.08
CA GLN A 535 14.96 6.87 -13.36
C GLN A 535 16.19 7.20 -14.22
C1 NAG B . 6.51 5.55 10.86
C2 NAG B . 5.21 4.81 11.18
C3 NAG B . 5.10 4.59 12.68
C4 NAG B . 6.34 3.84 13.18
C5 NAG B . 7.62 4.59 12.78
C6 NAG B . 8.86 3.75 13.08
C7 NAG B . 3.39 5.16 9.59
C8 NAG B . 2.34 6.14 9.14
N2 NAG B . 4.09 5.55 10.67
O3 NAG B . 3.92 3.89 12.99
O4 NAG B . 6.25 3.75 14.58
O5 NAG B . 7.65 4.91 11.40
O6 NAG B . 9.05 2.74 12.13
O7 NAG B . 3.55 4.09 8.99
C1 NAG B . 6.52 2.42 15.07
C2 NAG B . 6.82 2.52 16.58
C3 NAG B . 7.03 1.12 17.15
C4 NAG B . 5.87 0.19 16.82
C5 NAG B . 5.62 0.20 15.30
C6 NAG B . 4.42 -0.65 14.94
C7 NAG B . 7.99 4.63 17.01
C8 NAG B . 9.32 5.33 16.86
N2 NAG B . 8.01 3.31 16.84
O3 NAG B . 7.22 1.20 18.55
O4 NAG B . 6.20 -1.13 17.18
O5 NAG B . 5.45 1.53 14.81
O6 NAG B . 4.19 -0.55 13.55
O7 NAG B . 6.97 5.28 17.28
C1 MAN B . 5.84 -1.45 18.53
C2 MAN B . 5.66 -2.97 18.60
C3 MAN B . 5.39 -3.43 20.03
C4 MAN B . 6.44 -2.86 20.97
C5 MAN B . 6.53 -1.34 20.81
C6 MAN B . 7.57 -0.72 21.70
O2 MAN B . 6.84 -3.60 18.13
O3 MAN B . 5.46 -4.84 20.02
O4 MAN B . 6.15 -3.17 22.31
O5 MAN B . 6.83 -1.05 19.45
O6 MAN B . 7.70 0.63 21.32
C1 MAN B . 4.32 -5.49 20.63
C2 MAN B . 4.76 -6.88 21.04
C3 MAN B . 5.07 -7.77 19.83
C4 MAN B . 4.06 -7.63 18.68
C5 MAN B . 3.41 -6.24 18.56
C6 MAN B . 2.06 -6.31 17.84
O2 MAN B . 3.78 -7.48 21.86
O3 MAN B . 5.14 -9.11 20.22
O4 MAN B . 4.74 -7.89 17.49
O5 MAN B . 3.18 -5.61 19.81
O6 MAN B . 1.61 -5.02 17.52
C1 MAN B . 4.35 -7.70 23.17
C2 MAN B . 4.26 -9.19 23.54
C3 MAN B . 2.83 -9.61 23.90
C4 MAN B . 1.96 -8.53 24.57
C5 MAN B . 2.35 -7.07 24.25
C6 MAN B . 1.81 -6.12 25.29
O2 MAN B . 5.18 -9.51 24.57
O3 MAN B . 2.87 -10.78 24.72
O4 MAN B . 0.64 -8.69 24.14
O5 MAN B . 3.75 -6.90 24.16
O6 MAN B . 1.57 -4.87 24.68
C1 MAN B . 7.96 1.46 22.49
C2 MAN B . 7.25 2.82 22.35
C3 MAN B . 7.88 3.67 21.24
C4 MAN B . 9.40 3.60 21.18
C5 MAN B . 10.06 2.29 21.69
C6 MAN B . 11.48 2.58 22.20
O2 MAN B . 7.34 3.50 23.60
O3 MAN B . 7.43 5.02 21.32
O4 MAN B . 9.80 3.75 19.83
O5 MAN B . 9.34 1.68 22.74
O6 MAN B . 12.34 1.48 21.91
C1 NAG C . -11.55 17.36 17.31
C2 NAG C . -11.88 16.75 18.68
C3 NAG C . -10.79 17.08 19.69
C4 NAG C . -9.40 16.73 19.18
C5 NAG C . -9.21 17.27 17.74
C6 NAG C . -7.92 16.76 17.10
C7 NAG C . -14.34 16.65 18.78
C8 NAG C . -15.58 17.34 19.28
N2 NAG C . -13.18 17.20 19.16
O3 NAG C . -11.01 16.30 20.85
O4 NAG C . -8.44 17.23 20.10
O5 NAG C . -10.28 16.88 16.90
O6 NAG C . -7.96 15.36 17.00
O7 NAG C . -14.43 15.65 18.07
C1 NAG C . -7.45 16.23 20.44
C2 NAG C . -6.20 16.90 21.04
C3 NAG C . -5.91 16.45 22.48
C4 NAG C . -5.89 14.92 22.62
C5 NAG C . -6.86 14.25 21.64
C6 NAG C . -7.43 12.94 22.19
C7 NAG C . -4.84 17.11 18.99
C8 NAG C . -4.08 16.21 18.06
N2 NAG C . -5.04 16.63 20.23
O3 NAG C . -6.87 16.98 23.37
O4 NAG C . -4.57 14.47 22.38
O5 NAG C . -7.91 15.16 21.26
O6 NAG C . -8.33 13.21 23.25
O7 NAG C . -5.24 18.23 18.62
C1 GLC D . -0.61 13.01 8.99
C2 GLC D . -0.80 12.45 10.41
C3 GLC D . -1.74 13.36 11.21
C4 GLC D . -1.27 14.81 11.20
C5 GLC D . -0.89 15.27 9.78
C6 GLC D . -0.12 16.59 9.85
O2 GLC D . -1.30 11.14 10.35
O3 GLC D . -1.87 12.91 12.54
O4 GLC D . -2.29 15.65 11.69
O5 GLC D . -0.09 14.33 9.08
O6 GLC D . 0.62 16.69 11.03
C1 FRU D . -1.81 11.03 6.87
C2 FRU D . -1.89 12.55 6.95
C3 FRU D . -3.19 13.03 6.31
C4 FRU D . -2.86 14.45 5.94
C5 FRU D . -1.40 14.34 5.55
C6 FRU D . -0.60 15.55 6.01
O1 FRU D . -0.47 10.67 6.57
O2 FRU D . -1.87 12.99 8.30
O3 FRU D . -4.25 13.01 7.22
O4 FRU D . -3.68 14.93 4.90
O5 FRU D . -0.88 13.18 6.18
O6 FRU D . 0.67 15.45 5.45
C1 NAG E . 0.54 25.89 -22.88
C2 NAG E . 1.56 27.04 -23.01
C3 NAG E . 2.01 27.24 -24.47
C4 NAG E . 2.47 25.90 -25.06
C5 NAG E . 1.31 24.91 -24.94
C6 NAG E . 1.63 23.56 -25.59
C7 NAG E . 0.12 29.10 -22.77
C8 NAG E . -0.10 30.31 -21.92
N2 NAG E . 1.10 28.29 -22.37
O3 NAG E . 3.07 28.17 -24.52
O4 NAG E . 2.90 26.04 -26.40
O5 NAG E . 0.98 24.72 -23.56
O6 NAG E . 2.66 22.92 -24.89
O7 NAG E . -0.59 28.91 -23.77
ZN ZN F . -0.73 -2.56 14.70
ZN ZN G . -5.15 -33.83 1.76
ZN ZN H . -18.23 -0.60 9.17
ZN ZN I . -19.36 16.90 20.80
NA NA J . -0.01 -4.55 -14.59
#